data_1R4K
#
_entry.id   1R4K
#
_entity_poly.entity_id   1
_entity_poly.type   'polypeptide(L)'
_entity_poly.pdbx_seq_one_letter_code
;GTAFYKAQPVIDFMCEVLDIRDINEQRKPLTDSQRVKFTKEIKGLKIEITHCGQMRRKYRVCNVTRRPAQMQSFPLQLEN
GQTVECTVAKYFLDKYRMKLRYPHLPCLQVGQEHKHTYLPLEVCNIVAGQRCIKKLTDMQTSTMIKATARSAPDREREIN
NLVKRADFN
;
_entity_poly.pdbx_strand_id   A
#
# COMPACT_ATOMS: atom_id res chain seq x y z
N THR A 2 3.29 9.08 13.89
CA THR A 2 4.18 9.86 14.81
C THR A 2 5.12 8.93 15.57
N ALA A 3 4.60 7.86 16.10
CA ALA A 3 5.47 6.91 16.86
C ALA A 3 5.32 5.49 16.32
N PHE A 4 6.39 4.77 16.23
CA PHE A 4 6.31 3.37 15.73
C PHE A 4 7.42 2.53 16.35
N TYR A 5 7.07 1.54 17.12
CA TYR A 5 8.13 0.69 17.76
C TYR A 5 8.07 -0.74 17.23
N LYS A 6 7.94 -0.90 15.95
CA LYS A 6 7.95 -2.26 15.35
C LYS A 6 8.42 -2.19 13.90
N ALA A 7 8.74 -3.30 13.30
CA ALA A 7 9.18 -3.27 11.87
C ALA A 7 9.31 -4.69 11.31
N GLN A 8 10.42 -5.34 11.54
CA GLN A 8 10.59 -6.73 11.01
C GLN A 8 10.20 -6.78 9.52
N PRO A 9 11.15 -6.51 8.66
CA PRO A 9 10.88 -6.53 7.21
C PRO A 9 10.25 -7.85 6.79
N VAL A 10 9.35 -7.82 5.84
CA VAL A 10 8.71 -9.08 5.37
C VAL A 10 9.79 -10.12 5.02
N ILE A 11 10.95 -9.67 4.62
CA ILE A 11 12.03 -10.62 4.27
C ILE A 11 12.36 -11.50 5.49
N ASP A 12 12.50 -10.91 6.64
CA ASP A 12 12.81 -11.71 7.85
C ASP A 12 11.57 -12.51 8.29
N PHE A 13 10.43 -11.89 8.31
CA PHE A 13 9.19 -12.62 8.71
C PHE A 13 9.04 -13.90 7.90
N MET A 14 9.14 -13.81 6.59
CA MET A 14 9.01 -15.03 5.75
C MET A 14 10.07 -16.06 6.15
N CYS A 15 11.32 -15.67 6.15
CA CYS A 15 12.39 -16.62 6.55
C CYS A 15 12.09 -17.22 7.93
N GLU A 16 11.30 -16.53 8.71
CA GLU A 16 10.97 -17.04 10.07
C GLU A 16 9.71 -17.92 10.01
N VAL A 17 8.84 -17.66 9.09
CA VAL A 17 7.58 -18.46 8.99
C VAL A 17 7.81 -19.72 8.16
N LEU A 18 8.52 -19.61 7.07
CA LEU A 18 8.76 -20.79 6.20
C LEU A 18 10.12 -21.43 6.52
N ASP A 19 10.75 -21.03 7.59
CA ASP A 19 12.08 -21.62 7.94
C ASP A 19 13.02 -21.57 6.73
N ILE A 20 13.81 -20.54 6.63
CA ILE A 20 14.74 -20.43 5.47
C ILE A 20 16.15 -20.04 5.94
N ARG A 21 17.16 -20.53 5.26
CA ARG A 21 18.56 -20.19 5.65
C ARG A 21 18.91 -18.77 5.21
N ASP A 22 18.45 -18.38 4.05
CA ASP A 22 18.75 -17.01 3.55
C ASP A 22 17.73 -16.58 2.50
N ILE A 23 17.02 -15.51 2.75
CA ILE A 23 16.00 -15.05 1.78
C ILE A 23 16.62 -14.92 0.38
N ASN A 24 17.90 -14.77 0.29
CA ASN A 24 18.57 -14.64 -1.04
C ASN A 24 18.85 -16.03 -1.62
N GLU A 25 18.82 -17.05 -0.81
CA GLU A 25 19.09 -18.42 -1.34
C GLU A 25 17.81 -19.05 -1.89
N GLN A 26 16.67 -18.52 -1.55
CA GLN A 26 15.39 -19.10 -2.06
C GLN A 26 15.45 -19.28 -3.57
N ARG A 27 15.44 -18.19 -4.31
CA ARG A 27 15.50 -18.30 -5.79
C ARG A 27 14.40 -19.23 -6.32
N LYS A 28 13.36 -19.43 -5.57
CA LYS A 28 12.26 -20.32 -6.05
C LYS A 28 10.90 -19.71 -5.70
N PRO A 29 9.92 -19.98 -6.55
CA PRO A 29 8.56 -19.45 -6.31
C PRO A 29 7.92 -20.17 -5.12
N LEU A 30 7.19 -19.46 -4.30
CA LEU A 30 6.53 -20.10 -3.14
C LEU A 30 5.39 -20.99 -3.61
N THR A 31 5.21 -22.13 -3.00
CA THR A 31 4.11 -23.04 -3.42
C THR A 31 2.83 -22.74 -2.65
N ASP A 32 1.75 -23.41 -2.97
CA ASP A 32 0.47 -23.16 -2.25
C ASP A 32 0.68 -23.25 -0.74
N SER A 33 1.21 -24.35 -0.28
CA SER A 33 1.44 -24.51 1.19
C SER A 33 2.21 -23.32 1.75
N GLN A 34 3.34 -23.01 1.16
CA GLN A 34 4.14 -21.86 1.67
C GLN A 34 3.36 -20.56 1.52
N ARG A 35 2.78 -20.33 0.37
CA ARG A 35 2.00 -19.07 0.17
C ARG A 35 0.91 -18.93 1.25
N VAL A 36 0.10 -19.94 1.41
CA VAL A 36 -0.99 -19.87 2.43
C VAL A 36 -0.39 -19.65 3.82
N LYS A 37 0.77 -20.17 4.07
CA LYS A 37 1.41 -19.98 5.40
C LYS A 37 1.63 -18.49 5.69
N PHE A 38 2.48 -17.86 4.92
CA PHE A 38 2.73 -16.40 5.15
C PHE A 38 1.42 -15.62 5.13
N THR A 39 0.57 -15.89 4.17
CA THR A 39 -0.72 -15.16 4.08
C THR A 39 -1.49 -15.26 5.40
N LYS A 40 -1.52 -16.43 5.99
CA LYS A 40 -2.26 -16.60 7.27
C LYS A 40 -1.63 -15.72 8.36
N GLU A 41 -0.33 -15.64 8.40
CA GLU A 41 0.34 -14.82 9.44
C GLU A 41 -0.07 -13.35 9.30
N ILE A 42 0.06 -12.79 8.12
CA ILE A 42 -0.30 -11.36 7.92
C ILE A 42 -1.83 -11.18 8.04
N LYS A 43 -2.44 -10.47 7.12
CA LYS A 43 -3.93 -10.26 7.21
C LYS A 43 -4.28 -9.47 8.47
N GLY A 44 -4.38 -8.18 8.37
CA GLY A 44 -4.71 -7.35 9.56
C GLY A 44 -3.47 -6.59 10.02
N LEU A 45 -2.32 -7.19 9.91
CA LEU A 45 -1.07 -6.49 10.33
C LEU A 45 -0.94 -5.15 9.64
N LYS A 46 -0.23 -4.23 10.22
CA LYS A 46 -0.07 -2.90 9.57
C LYS A 46 1.29 -2.83 8.86
N ILE A 47 1.30 -2.77 7.56
CA ILE A 47 2.60 -2.74 6.84
C ILE A 47 2.87 -1.34 6.26
N GLU A 48 4.10 -0.90 6.31
CA GLU A 48 4.43 0.44 5.74
C GLU A 48 5.30 0.28 4.51
N ILE A 49 5.25 1.22 3.60
CA ILE A 49 6.08 1.09 2.36
C ILE A 49 7.45 1.72 2.57
N THR A 50 8.48 0.94 2.37
CA THR A 50 9.88 1.43 2.53
C THR A 50 10.74 0.81 1.44
N HIS A 51 11.03 1.56 0.41
CA HIS A 51 11.82 0.99 -0.72
C HIS A 51 12.64 2.08 -1.41
N CYS A 52 12.08 3.26 -1.57
CA CYS A 52 12.83 4.36 -2.23
C CYS A 52 13.71 5.07 -1.19
N GLY A 53 13.33 5.04 0.06
CA GLY A 53 14.15 5.71 1.10
C GLY A 53 14.01 7.22 0.97
N GLN A 54 12.85 7.70 0.64
CA GLN A 54 12.66 9.17 0.48
C GLN A 54 11.24 9.57 0.90
N MET A 55 10.25 8.83 0.49
CA MET A 55 8.85 9.17 0.85
C MET A 55 8.35 8.27 1.98
N ARG A 56 8.31 6.98 1.75
CA ARG A 56 7.82 6.04 2.80
C ARG A 56 6.38 6.36 3.19
N ARG A 57 5.61 5.37 3.57
CA ARG A 57 4.19 5.62 3.96
C ARG A 57 3.67 4.48 4.83
N LYS A 58 2.38 4.43 5.06
CA LYS A 58 1.83 3.33 5.91
C LYS A 58 0.52 2.80 5.33
N TYR A 59 0.36 1.50 5.35
CA TYR A 59 -0.90 0.88 4.83
C TYR A 59 -1.19 -0.42 5.57
N ARG A 60 -2.36 -0.97 5.40
CA ARG A 60 -2.68 -2.25 6.10
C ARG A 60 -2.61 -3.42 5.12
N VAL A 61 -2.43 -4.62 5.63
CA VAL A 61 -2.36 -5.80 4.71
C VAL A 61 -3.76 -6.20 4.24
N CYS A 62 -3.85 -6.94 3.17
CA CYS A 62 -5.18 -7.35 2.66
C CYS A 62 -5.12 -8.77 2.07
N ASN A 63 -4.06 -9.10 1.39
CA ASN A 63 -3.95 -10.46 0.79
C ASN A 63 -2.58 -10.67 0.15
N VAL A 64 -2.40 -11.77 -0.55
CA VAL A 64 -1.10 -12.03 -1.22
C VAL A 64 -1.34 -12.44 -2.67
N THR A 65 -0.58 -11.92 -3.59
CA THR A 65 -0.78 -12.28 -5.02
C THR A 65 0.07 -13.50 -5.36
N ARG A 66 -0.41 -14.35 -6.23
CA ARG A 66 0.36 -15.56 -6.60
C ARG A 66 1.28 -15.23 -7.79
N ARG A 67 0.86 -14.35 -8.64
CA ARG A 67 1.73 -13.94 -9.77
C ARG A 67 3.06 -13.42 -9.23
N PRO A 68 4.09 -13.56 -10.01
CA PRO A 68 5.42 -13.10 -9.57
C PRO A 68 5.53 -11.58 -9.70
N ALA A 69 6.32 -10.95 -8.88
CA ALA A 69 6.45 -9.47 -8.99
C ALA A 69 6.83 -9.07 -10.42
N GLN A 70 7.77 -9.77 -11.02
CA GLN A 70 8.21 -9.43 -12.41
C GLN A 70 6.99 -9.15 -13.32
N MET A 71 5.87 -9.71 -12.99
CA MET A 71 4.66 -9.47 -13.81
C MET A 71 3.49 -9.04 -12.93
N GLN A 72 3.68 -8.03 -12.12
CA GLN A 72 2.56 -7.62 -11.21
C GLN A 72 1.84 -6.38 -11.73
N SER A 73 0.95 -6.55 -12.68
CA SER A 73 0.20 -5.39 -13.22
C SER A 73 -0.70 -4.78 -12.14
N PHE A 74 -0.56 -3.49 -11.90
CA PHE A 74 -1.43 -2.84 -10.88
C PHE A 74 -1.97 -1.51 -11.41
N PRO A 75 -2.83 -0.90 -10.63
CA PRO A 75 -3.46 0.38 -11.04
C PRO A 75 -2.62 1.57 -10.59
N LEU A 76 -1.81 2.11 -11.46
CA LEU A 76 -1.00 3.31 -11.10
C LEU A 76 -1.80 4.56 -11.43
N GLN A 77 -2.15 5.35 -10.45
CA GLN A 77 -2.96 6.57 -10.75
C GLN A 77 -2.05 7.74 -11.08
N LEU A 78 -2.36 8.46 -12.13
CA LEU A 78 -1.50 9.59 -12.55
C LEU A 78 -2.16 10.93 -12.19
N GLU A 79 -1.49 11.74 -11.41
CA GLU A 79 -2.06 13.05 -11.02
C GLU A 79 -2.34 13.92 -12.24
N ASN A 80 -1.80 13.58 -13.37
CA ASN A 80 -2.05 14.40 -14.60
C ASN A 80 -3.56 14.58 -14.81
N GLY A 81 -4.35 13.71 -14.28
CA GLY A 81 -5.83 13.82 -14.45
C GLY A 81 -6.38 12.53 -15.06
N GLN A 82 -5.83 11.41 -14.67
CA GLN A 82 -6.32 10.12 -15.23
C GLN A 82 -5.59 8.95 -14.56
N THR A 83 -6.23 7.81 -14.48
CA THR A 83 -5.56 6.63 -13.84
C THR A 83 -4.91 5.76 -14.92
N VAL A 84 -3.84 5.11 -14.57
CA VAL A 84 -3.12 4.26 -15.56
C VAL A 84 -2.94 2.83 -15.02
N GLU A 85 -2.51 1.93 -15.85
CA GLU A 85 -2.27 0.54 -15.39
C GLU A 85 -0.81 0.15 -15.69
N CYS A 86 0.04 0.14 -14.69
CA CYS A 86 1.46 -0.20 -14.95
C CYS A 86 1.78 -1.59 -14.36
N THR A 87 3.03 -1.96 -14.35
CA THR A 87 3.40 -3.30 -13.80
C THR A 87 4.48 -3.16 -12.73
N VAL A 88 4.39 -3.94 -11.69
CA VAL A 88 5.43 -3.87 -10.63
C VAL A 88 6.56 -4.83 -10.95
N ALA A 89 7.75 -4.52 -10.48
CA ALA A 89 8.97 -5.32 -10.79
C ALA A 89 9.41 -5.06 -12.23
N LYS A 90 9.06 -3.91 -12.74
CA LYS A 90 9.44 -3.53 -14.13
C LYS A 90 9.43 -2.01 -14.25
N TYR A 91 8.40 -1.39 -13.73
CA TYR A 91 8.33 0.10 -13.77
C TYR A 91 9.40 0.66 -12.83
N PHE A 92 9.47 0.16 -11.63
CA PHE A 92 10.51 0.64 -10.68
C PHE A 92 11.90 0.55 -11.32
N LEU A 93 12.10 -0.42 -12.16
CA LEU A 93 13.43 -0.58 -12.81
C LEU A 93 13.70 0.59 -13.76
N ASP A 94 12.67 1.21 -14.27
CA ASP A 94 12.86 2.33 -15.23
C ASP A 94 12.94 3.67 -14.50
N LYS A 95 12.02 3.94 -13.61
CA LYS A 95 12.04 5.25 -12.89
C LYS A 95 12.87 5.14 -11.60
N TYR A 96 12.60 4.15 -10.79
CA TYR A 96 13.35 4.01 -9.51
C TYR A 96 14.62 3.20 -9.71
N ARG A 97 14.87 2.72 -10.90
CA ARG A 97 16.10 1.90 -11.14
C ARG A 97 16.18 0.75 -10.13
N MET A 98 15.07 0.36 -9.57
CA MET A 98 15.08 -0.75 -8.59
C MET A 98 15.01 -2.10 -9.31
N LYS A 99 16.01 -2.92 -9.16
CA LYS A 99 15.99 -4.24 -9.86
C LYS A 99 15.20 -5.28 -9.07
N LEU A 100 14.52 -4.87 -8.02
CA LEU A 100 13.68 -5.82 -7.22
C LEU A 100 14.52 -6.93 -6.56
N ARG A 101 15.10 -7.80 -7.35
CA ARG A 101 15.89 -8.93 -6.77
C ARG A 101 14.95 -9.94 -6.08
N TYR A 102 13.66 -9.77 -6.21
CA TYR A 102 12.71 -10.74 -5.61
C TYR A 102 11.47 -10.93 -6.49
N PRO A 103 11.66 -11.08 -7.78
CA PRO A 103 10.52 -11.24 -8.71
C PRO A 103 9.90 -12.65 -8.61
N HIS A 104 10.70 -13.67 -8.79
CA HIS A 104 10.17 -15.07 -8.77
C HIS A 104 9.16 -15.29 -7.63
N LEU A 105 9.38 -14.67 -6.50
CA LEU A 105 8.43 -14.85 -5.37
C LEU A 105 7.09 -14.16 -5.66
N PRO A 106 6.15 -14.30 -4.76
CA PRO A 106 4.82 -13.68 -4.96
C PRO A 106 4.87 -12.20 -4.58
N CYS A 107 3.73 -11.59 -4.36
CA CYS A 107 3.72 -10.16 -3.97
C CYS A 107 2.71 -9.91 -2.85
N LEU A 108 2.75 -8.77 -2.24
CA LEU A 108 1.80 -8.47 -1.12
C LEU A 108 0.66 -7.58 -1.61
N GLN A 109 -0.49 -7.70 -1.00
CA GLN A 109 -1.66 -6.88 -1.43
C GLN A 109 -2.13 -5.99 -0.27
N VAL A 110 -2.16 -4.70 -0.47
CA VAL A 110 -2.60 -3.79 0.62
C VAL A 110 -3.51 -2.68 0.08
N GLY A 111 -4.60 -2.41 0.76
CA GLY A 111 -5.53 -1.34 0.30
C GLY A 111 -6.22 -0.74 1.53
N GLN A 112 -6.14 0.55 1.70
CA GLN A 112 -6.79 1.20 2.87
C GLN A 112 -8.27 0.80 2.95
N GLU A 113 -9.06 1.27 2.03
CA GLU A 113 -10.52 0.91 2.04
C GLU A 113 -10.92 0.32 0.70
N HIS A 114 -10.43 0.87 -0.38
CA HIS A 114 -10.77 0.33 -1.72
C HIS A 114 -9.60 0.55 -2.67
N LYS A 115 -8.39 0.44 -2.17
CA LYS A 115 -7.20 0.66 -3.04
C LYS A 115 -6.70 -0.66 -3.61
N HIS A 116 -5.60 -0.62 -4.33
CA HIS A 116 -5.05 -1.86 -4.93
C HIS A 116 -3.54 -1.72 -5.09
N THR A 117 -2.84 -1.47 -4.02
CA THR A 117 -1.36 -1.30 -4.11
C THR A 117 -0.65 -2.65 -4.03
N TYR A 118 -0.01 -3.05 -5.09
CA TYR A 118 0.72 -4.35 -5.08
C TYR A 118 2.21 -4.11 -4.79
N LEU A 119 2.66 -4.48 -3.63
CA LEU A 119 4.10 -4.26 -3.30
C LEU A 119 4.87 -5.59 -3.37
N PRO A 120 6.17 -5.50 -3.52
CA PRO A 120 7.00 -6.71 -3.60
C PRO A 120 7.44 -7.15 -2.21
N LEU A 121 8.47 -7.94 -2.11
CA LEU A 121 8.93 -8.37 -0.76
C LEU A 121 9.34 -7.15 0.05
N GLU A 122 10.40 -6.49 -0.34
CA GLU A 122 10.81 -5.25 0.37
C GLU A 122 9.66 -4.25 0.28
N VAL A 123 9.90 -2.99 0.58
CA VAL A 123 8.79 -1.98 0.49
C VAL A 123 7.73 -2.30 1.56
N CYS A 124 7.00 -3.36 1.39
CA CYS A 124 5.96 -3.71 2.40
C CYS A 124 6.62 -4.21 3.70
N ASN A 125 6.87 -3.31 4.62
CA ASN A 125 7.47 -3.75 5.92
C ASN A 125 6.36 -4.10 6.90
N ILE A 126 6.67 -4.76 7.97
CA ILE A 126 5.61 -5.16 8.93
C ILE A 126 5.57 -4.21 10.14
N VAL A 127 4.42 -4.05 10.72
CA VAL A 127 4.30 -3.15 11.92
C VAL A 127 3.21 -3.69 12.85
N ALA A 128 3.53 -3.87 14.10
CA ALA A 128 2.53 -4.39 15.08
C ALA A 128 3.14 -4.46 16.47
N GLY A 129 3.98 -3.52 16.80
CA GLY A 129 4.64 -3.53 18.14
C GLY A 129 4.09 -2.36 18.97
N GLN A 130 4.92 -1.41 19.29
CA GLN A 130 4.42 -0.25 20.08
C GLN A 130 4.21 0.96 19.17
N ARG A 131 3.18 0.91 18.37
CA ARG A 131 2.92 2.05 17.43
C ARG A 131 1.94 3.05 18.04
N CYS A 132 2.11 4.31 17.74
CA CYS A 132 1.18 5.34 18.28
C CYS A 132 1.05 6.51 17.30
N ILE A 133 0.07 6.46 16.44
CA ILE A 133 -0.10 7.56 15.44
C ILE A 133 -1.40 8.34 15.72
N LYS A 134 -1.81 9.16 14.78
CA LYS A 134 -3.06 9.93 14.98
C LYS A 134 -4.20 9.35 14.14
N LYS A 135 -5.18 8.78 14.77
CA LYS A 135 -6.31 8.18 14.01
C LYS A 135 -7.46 9.18 13.89
N LEU A 136 -7.17 10.46 14.02
CA LEU A 136 -8.23 11.48 13.90
C LEU A 136 -7.63 12.85 13.58
N THR A 137 -8.43 13.87 13.60
CA THR A 137 -7.90 15.23 13.30
C THR A 137 -8.93 16.31 13.67
N ASP A 138 -8.81 17.49 13.12
CA ASP A 138 -9.77 18.57 13.45
C ASP A 138 -10.30 19.20 12.17
N MET A 139 -11.56 19.56 12.15
CA MET A 139 -12.14 20.19 10.93
C MET A 139 -12.96 21.41 11.30
N GLN A 140 -12.35 22.40 11.89
CA GLN A 140 -13.10 23.63 12.28
C GLN A 140 -12.56 24.85 11.54
N THR A 141 -13.38 25.49 10.75
CA THR A 141 -12.92 26.68 9.99
C THR A 141 -13.33 27.96 10.73
N SER A 142 -12.44 28.92 10.81
CA SER A 142 -12.78 30.18 11.52
C SER A 142 -12.88 31.34 10.52
N THR A 143 -13.06 32.54 11.01
CA THR A 143 -13.18 33.74 10.10
C THR A 143 -14.07 33.43 8.89
N MET A 144 -15.07 32.60 9.08
CA MET A 144 -15.98 32.26 7.95
C MET A 144 -16.95 33.42 7.69
N ILE A 145 -16.49 34.45 7.03
CA ILE A 145 -17.38 35.61 6.74
C ILE A 145 -17.98 35.47 5.33
N LYS A 146 -18.86 34.53 5.15
CA LYS A 146 -19.47 34.35 3.80
C LYS A 146 -18.39 34.23 2.73
N ALA A 147 -18.77 34.23 1.47
CA ALA A 147 -17.77 34.12 0.39
C ALA A 147 -17.54 35.50 -0.25
N THR A 148 -16.38 35.71 -0.83
CA THR A 148 -16.10 37.03 -1.47
C THR A 148 -16.88 37.16 -2.78
N ALA A 149 -17.12 38.37 -3.23
CA ALA A 149 -17.87 38.55 -4.50
C ALA A 149 -16.92 38.45 -5.70
N ARG A 150 -16.31 37.30 -5.89
CA ARG A 150 -15.38 37.12 -7.03
C ARG A 150 -15.14 35.65 -7.31
N SER A 151 -14.39 35.34 -8.33
CA SER A 151 -14.12 33.90 -8.65
C SER A 151 -15.43 33.11 -8.75
N ALA A 152 -15.34 31.83 -8.97
CA ALA A 152 -16.59 31.01 -9.07
C ALA A 152 -16.28 29.55 -8.77
N PRO A 153 -17.30 28.83 -8.32
CA PRO A 153 -17.12 27.40 -7.99
C PRO A 153 -16.53 26.64 -9.20
N ASP A 154 -15.82 25.57 -8.94
CA ASP A 154 -15.23 24.79 -10.07
C ASP A 154 -15.97 23.47 -10.26
N ARG A 155 -15.63 22.73 -11.29
CA ARG A 155 -16.32 21.44 -11.53
C ARG A 155 -16.22 20.55 -10.29
N GLU A 156 -17.24 19.79 -10.00
CA GLU A 156 -17.21 18.90 -8.81
C GLU A 156 -17.60 17.47 -9.20
N ARG A 157 -17.41 16.53 -8.31
CA ARG A 157 -17.77 15.12 -8.63
C ARG A 157 -19.26 15.02 -8.97
N GLU A 158 -19.59 14.99 -10.23
CA GLU A 158 -21.02 14.89 -10.62
C GLU A 158 -21.60 13.53 -10.24
N ILE A 159 -21.79 13.29 -8.96
CA ILE A 159 -22.34 11.98 -8.52
C ILE A 159 -23.71 11.75 -9.17
N ASN A 160 -23.92 10.57 -9.70
CA ASN A 160 -25.23 10.28 -10.36
C ASN A 160 -26.19 9.63 -9.37
N ASN A 161 -27.47 9.76 -9.59
CA ASN A 161 -28.47 9.15 -8.66
C ASN A 161 -28.19 9.58 -7.22
N LEU A 162 -29.02 9.18 -6.30
CA LEU A 162 -28.82 9.56 -4.88
C LEU A 162 -28.67 11.08 -4.76
N VAL A 163 -28.53 11.58 -3.56
CA VAL A 163 -28.39 13.04 -3.37
C VAL A 163 -27.79 13.35 -2.00
N LYS A 164 -26.92 12.51 -1.52
CA LYS A 164 -26.29 12.73 -0.19
C LYS A 164 -27.37 12.90 0.89
N ARG A 165 -26.98 12.95 2.12
CA ARG A 165 -27.97 13.11 3.22
C ARG A 165 -27.54 14.22 4.18
N ALA A 166 -28.32 15.26 4.30
CA ALA A 166 -27.94 16.37 5.21
C ALA A 166 -28.63 16.22 6.56
N ASP A 167 -28.34 17.08 7.50
CA ASP A 167 -28.98 16.98 8.84
C ASP A 167 -28.78 15.58 9.43
N PHE A 168 -29.21 15.37 10.65
CA PHE A 168 -29.04 14.04 11.27
C PHE A 168 -30.38 13.30 11.32
N ASN A 169 -31.35 13.86 11.99
CA ASN A 169 -32.68 13.20 12.07
C ASN A 169 -33.74 14.05 11.37
#